data_1EM8
#
_entry.id   1EM8
#
_cell.length_a   64.377
_cell.length_b   65.719
_cell.length_c   73.429
_cell.angle_alpha   90.0
_cell.angle_beta   116.152
_cell.angle_gamma   90.0
#
_symmetry.space_group_name_H-M   'P 1 21 1'
#
loop_
_entity.id
_entity.type
_entity.pdbx_description
1 polymer 'DNA POLYMERASE III CHI SUBUNIT'
2 polymer 'DNA POLYMERASE III PSI SUBUNIT'
3 water water
#
loop_
_entity_poly.entity_id
_entity_poly.type
_entity_poly.pdbx_seq_one_letter_code
_entity_poly.pdbx_strand_id
1 'polypeptide(L)'
;MKNATFYLLDNDTTVDGLSAVEQLVCEIAAERWRSGKRVLIACEDEKQAYRLDEALWARPAESFVPHNLAGEGPRGGAPV
EIAWPQKRSSSRRDILISLRTSFADFATAFTEVVDFVPYEDSLKQLARERYKAYRVAGFNLNTATWK
;
A,C
2 'polypeptide(L)'
;QGEIAIAIPAHVRLVMVANDLPALTDPLVSDVLRALTVSPDQVLQLTPEKIAMLPQGSHCNSWRLGTDEPLSLEGAQVAS
PALTDLRANPTARAALWQQICTYEHDFFPRND
;
B,D
#
# COMPACT_ATOMS: atom_id res chain seq x y z
N MET A 1 16.55 30.28 5.75
CA MET A 1 15.97 31.54 6.20
C MET A 1 15.46 31.42 7.63
N LYS A 2 15.27 32.27 8.36
CA LYS A 2 14.70 31.91 9.63
C LYS A 2 13.25 32.35 9.53
N ASN A 3 12.50 31.72 9.97
CA ASN A 3 11.09 32.00 9.85
C ASN A 3 10.46 32.14 11.22
N ALA A 4 9.91 33.29 11.52
CA ALA A 4 9.12 33.41 12.76
C ALA A 4 7.66 33.69 12.37
N THR A 5 6.71 32.98 12.98
CA THR A 5 5.27 33.24 12.72
C THR A 5 4.55 33.68 13.98
N PHE A 6 3.85 34.81 13.91
CA PHE A 6 3.09 35.32 15.05
C PHE A 6 1.60 35.04 14.86
N TYR A 7 1.05 34.16 15.69
CA TYR A 7 -0.37 33.89 15.60
C TYR A 7 -1.12 34.95 16.40
N LEU A 8 -2.10 35.57 15.76
CA LEU A 8 -2.89 36.62 16.37
C LEU A 8 -4.14 35.99 16.99
N LEU A 9 -4.28 36.06 18.30
CA LEU A 9 -5.46 35.49 18.93
C LEU A 9 -6.62 36.45 18.90
N ASP A 10 -7.82 35.89 18.86
CA ASP A 10 -9.02 36.71 18.81
C ASP A 10 -9.89 36.49 20.04
N ASN A 11 -9.25 36.36 21.19
CA ASN A 11 -9.95 36.15 22.45
C ASN A 11 -8.93 35.82 23.51
N ASP A 12 -9.34 35.96 24.77
CA ASP A 12 -8.48 35.67 25.90
C ASP A 12 -9.24 34.81 26.89
N THR A 13 -10.04 33.89 26.35
CA THR A 13 -10.84 32.98 27.15
C THR A 13 -9.96 31.92 27.82
N THR A 14 -10.06 31.82 29.14
CA THR A 14 -9.28 30.84 29.87
C THR A 14 -10.13 29.59 30.08
N VAL A 15 -9.55 28.44 29.81
CA VAL A 15 -10.24 27.16 29.97
C VAL A 15 -9.36 26.20 30.75
N ASP A 16 -9.91 25.66 31.83
CA ASP A 16 -9.19 24.71 32.67
C ASP A 16 -7.85 25.25 33.16
N GLY A 17 -7.81 26.56 33.43
CA GLY A 17 -6.58 27.18 33.91
C GLY A 17 -5.59 27.51 32.82
N LEU A 18 -5.96 27.26 31.57
CA LEU A 18 -5.09 27.53 30.44
C LEU A 18 -5.45 28.84 29.75
N SER A 19 -4.46 29.69 29.52
CA SER A 19 -4.72 30.94 28.84
C SER A 19 -5.07 30.60 27.40
N ALA A 20 -5.63 31.56 26.67
CA ALA A 20 -5.99 31.35 25.28
C ALA A 20 -4.74 30.93 24.49
N VAL A 21 -3.61 31.53 24.85
CA VAL A 21 -2.34 31.23 24.19
C VAL A 21 -1.88 29.79 24.41
N GLU A 22 -1.89 29.34 25.65
CA GLU A 22 -1.45 28.00 26.00
C GLU A 22 -2.32 26.93 25.34
N GLN A 23 -3.58 27.26 25.10
CA GLN A 23 -4.52 26.34 24.45
C GLN A 23 -4.07 26.18 23.00
N LEU A 24 -3.74 27.31 22.36
CA LEU A 24 -3.30 27.29 20.97
C LEU A 24 -1.95 26.58 20.86
N VAL A 25 -1.12 26.68 21.89
CA VAL A 25 0.17 26.00 21.90
C VAL A 25 -0.05 24.50 21.75
N CYS A 26 -0.99 23.93 22.50
CA CYS A 26 -1.29 22.51 22.41
C CYS A 26 -1.63 22.08 20.98
N GLU A 27 -2.45 22.88 20.29
CA GLU A 27 -2.85 22.58 18.92
C GLU A 27 -1.66 22.62 17.96
N ILE A 28 -0.86 23.66 18.08
CA ILE A 28 0.31 23.84 17.23
C ILE A 28 1.37 22.76 17.45
N ALA A 29 1.68 22.47 18.71
CA ALA A 29 2.69 21.46 19.02
C ALA A 29 2.31 20.10 18.45
N ALA A 30 1.03 19.75 18.57
CA ALA A 30 0.54 18.47 18.05
C ALA A 30 0.64 18.39 16.54
N GLU A 31 0.24 19.45 15.85
CA GLU A 31 0.26 19.50 14.39
C GLU A 31 1.69 19.45 13.85
N ARG A 32 2.60 20.14 14.52
CA ARG A 32 4.00 20.13 14.09
C ARG A 32 4.64 18.78 14.33
N TRP A 33 4.38 18.19 15.49
CA TRP A 33 4.92 16.87 15.81
C TRP A 33 4.44 15.85 14.79
N ARG A 34 3.13 15.89 14.53
CA ARG A 34 2.51 14.95 13.61
C ARG A 34 3.09 15.10 12.20
N SER A 35 3.61 16.29 11.89
CA SER A 35 4.20 16.52 10.58
C SER A 35 5.65 16.04 10.59
N GLY A 36 6.06 15.44 11.70
CA GLY A 36 7.42 14.91 11.81
C GLY A 36 8.45 15.81 12.45
N LYS A 37 8.04 16.86 13.14
CA LYS A 37 9.00 17.77 13.76
C LYS A 37 9.26 17.48 15.22
N ARG A 38 10.43 17.89 15.69
CA ARG A 38 10.82 17.76 17.08
C ARG A 38 10.52 19.15 17.59
N VAL A 39 9.69 19.23 18.62
CA VAL A 39 9.26 20.52 19.12
C VAL A 39 9.74 20.92 20.52
N LEU A 40 10.12 22.19 20.66
CA LEU A 40 10.52 22.74 21.95
C LEU A 40 9.50 23.82 22.30
N ILE A 41 8.94 23.73 23.49
CA ILE A 41 8.00 24.74 23.95
C ILE A 41 8.75 25.45 25.07
N ALA A 42 9.11 26.70 24.84
CA ALA A 42 9.85 27.46 25.85
C ALA A 42 8.87 28.29 26.67
N CYS A 43 8.62 27.83 27.90
CA CYS A 43 7.69 28.50 28.82
C CYS A 43 8.43 29.59 29.60
N GLU A 44 7.70 30.62 30.02
CA GLU A 44 8.31 31.71 30.77
C GLU A 44 8.65 31.29 32.20
N ASP A 45 7.91 30.31 32.73
CA ASP A 45 8.17 29.83 34.09
C ASP A 45 7.85 28.34 34.27
N GLU A 46 8.44 27.75 35.30
CA GLU A 46 8.30 26.34 35.60
C GLU A 46 6.83 25.94 35.73
N LYS A 47 6.07 26.78 36.42
CA LYS A 47 4.65 26.54 36.68
C LYS A 47 3.83 26.47 35.38
N GLN A 48 4.21 27.29 34.41
CA GLN A 48 3.52 27.29 33.13
C GLN A 48 3.81 25.97 32.44
N ALA A 49 5.06 25.52 32.57
CA ALA A 49 5.50 24.26 31.97
C ALA A 49 4.69 23.07 32.48
N TYR A 50 4.40 23.03 33.77
CA TYR A 50 3.62 21.92 34.32
C TYR A 50 2.18 22.00 33.84
N ARG A 51 1.73 23.21 33.58
CA ARG A 51 0.37 23.43 33.13
C ARG A 51 0.21 22.85 31.71
N LEU A 52 1.21 23.07 30.86
CA LEU A 52 1.15 22.57 29.50
C LEU A 52 1.47 21.08 29.45
N ASP A 53 2.31 20.61 30.36
CA ASP A 53 2.68 19.20 30.42
C ASP A 53 1.43 18.37 30.64
N GLU A 54 0.52 18.90 31.44
CA GLU A 54 -0.74 18.23 31.74
C GLU A 54 -1.72 18.45 30.61
N ALA A 55 -1.86 19.70 30.18
CA ALA A 55 -2.77 20.05 29.10
C ALA A 55 -2.57 19.23 27.81
N LEU A 56 -1.32 18.91 27.47
CA LEU A 56 -1.04 18.14 26.26
C LEU A 56 -1.51 16.68 26.24
N TRP A 57 -1.92 16.15 27.38
CA TRP A 57 -2.45 14.78 27.41
C TRP A 57 -3.97 14.79 27.22
N ALA A 58 -4.57 15.97 27.33
CA ALA A 58 -6.02 16.14 27.18
C ALA A 58 -6.39 16.78 25.86
N ARG A 59 -5.48 17.62 25.34
CA ARG A 59 -5.72 18.33 24.09
C ARG A 59 -4.48 18.39 23.20
N PRO A 60 -4.68 18.43 21.87
CA PRO A 60 -5.98 18.40 21.18
C PRO A 60 -6.78 17.14 21.50
N ALA A 61 -8.08 17.17 21.25
CA ALA A 61 -8.92 16.00 21.50
C ALA A 61 -8.53 14.83 20.61
N GLU A 62 -8.71 13.61 21.12
CA GLU A 62 -8.40 12.40 20.38
C GLU A 62 -6.99 12.34 19.81
N SER A 63 -6.02 12.69 20.64
CA SER A 63 -4.64 12.67 20.21
C SER A 63 -3.74 12.06 21.27
N PHE A 64 -2.56 11.61 20.85
CA PHE A 64 -1.57 11.04 21.75
C PHE A 64 -0.30 11.77 21.31
N VAL A 65 0.01 12.85 22.02
CA VAL A 65 1.19 13.65 21.71
C VAL A 65 2.29 13.33 22.71
N PRO A 66 3.29 12.54 22.30
CA PRO A 66 4.39 12.15 23.18
C PRO A 66 5.18 13.38 23.62
N HIS A 67 5.18 13.67 24.93
CA HIS A 67 5.90 14.83 25.45
C HIS A 67 6.32 14.68 26.92
N ASN A 68 7.27 15.52 27.34
CA ASN A 68 7.77 15.53 28.71
C ASN A 68 8.39 16.89 29.02
N LEU A 69 8.59 17.16 30.31
CA LEU A 69 9.23 18.39 30.76
C LEU A 69 10.72 18.21 30.44
N ALA A 70 11.37 19.31 30.05
CA ALA A 70 12.78 19.34 29.64
C ALA A 70 13.76 18.26 30.11
N GLY A 71 13.79 17.97 31.41
CA GLY A 71 14.74 16.98 31.88
C GLY A 71 14.25 15.56 31.99
N GLU A 72 13.04 15.30 31.50
CA GLU A 72 12.46 13.96 31.60
C GLU A 72 12.23 13.33 30.23
N GLY A 73 11.64 12.15 30.22
CA GLY A 73 11.38 11.46 28.96
C GLY A 73 12.57 10.65 28.48
N PRO A 74 12.56 10.19 27.22
CA PRO A 74 13.64 9.38 26.61
C PRO A 74 14.92 10.16 26.37
N ARG A 75 16.01 9.45 26.09
CA ARG A 75 17.28 10.09 25.81
C ARG A 75 17.06 11.04 24.63
N GLY A 76 17.70 12.19 24.65
CA GLY A 76 17.53 13.14 23.56
C GLY A 76 16.23 13.91 23.73
N GLY A 77 15.48 13.56 24.78
CA GLY A 77 14.22 14.23 25.06
C GLY A 77 13.06 13.63 24.29
N ALA A 78 11.84 13.95 24.71
CA ALA A 78 10.64 13.46 24.04
C ALA A 78 10.44 14.24 22.74
N PRO A 79 9.60 13.73 21.85
CA PRO A 79 9.40 14.46 20.58
C PRO A 79 8.96 15.90 20.86
N VAL A 80 8.15 16.08 21.90
CA VAL A 80 7.71 17.43 22.29
C VAL A 80 8.21 17.71 23.69
N GLU A 81 9.17 18.64 23.80
CA GLU A 81 9.74 18.98 25.08
C GLU A 81 9.25 20.33 25.58
N ILE A 82 8.93 20.37 26.87
CA ILE A 82 8.41 21.56 27.53
C ILE A 82 9.44 22.03 28.57
N ALA A 83 10.06 23.19 28.31
CA ALA A 83 11.07 23.72 29.22
C ALA A 83 10.69 25.08 29.82
N TRP A 84 11.53 25.55 30.73
CA TRP A 84 11.34 26.82 31.38
C TRP A 84 12.74 27.43 31.55
N PRO A 85 12.82 28.76 31.74
CA PRO A 85 14.13 29.42 31.88
C PRO A 85 15.14 28.74 32.79
N GLN A 86 14.69 28.25 33.94
CA GLN A 86 15.60 27.57 34.86
C GLN A 86 15.67 26.08 34.51
N LYS A 87 15.96 25.74 33.26
CA LYS A 87 16.03 24.33 32.87
C LYS A 87 16.47 24.19 31.42
N ARG A 88 17.68 23.68 31.22
CA ARG A 88 18.23 23.52 29.88
C ARG A 88 17.47 22.47 29.05
N SER A 89 17.31 22.75 27.77
CA SER A 89 16.59 21.86 26.87
C SER A 89 17.43 20.89 26.03
N SER A 90 16.71 19.97 25.38
CA SER A 90 17.29 18.96 24.51
C SER A 90 17.62 19.56 23.16
N SER A 91 18.76 19.17 22.61
CA SER A 91 19.18 19.70 21.32
C SER A 91 18.47 18.97 20.20
N ARG A 92 18.83 19.28 18.96
CA ARG A 92 18.23 18.63 17.80
C ARG A 92 16.72 18.85 17.68
N ARG A 93 16.28 20.09 17.76
CA ARG A 93 14.86 20.39 17.63
C ARG A 93 14.59 21.33 16.45
N ASP A 94 13.50 21.03 15.75
CA ASP A 94 13.15 21.75 14.54
C ASP A 94 12.38 23.04 14.68
N ILE A 95 11.47 23.09 15.66
CA ILE A 95 10.66 24.27 15.82
C ILE A 95 10.51 24.73 17.28
N LEU A 96 10.60 26.04 17.48
CA LEU A 96 10.46 26.63 18.81
C LEU A 96 9.11 27.33 18.94
N ILE A 97 8.37 26.98 19.99
CA ILE A 97 7.11 27.64 20.26
C ILE A 97 7.44 28.39 21.55
N SER A 98 7.61 29.71 21.44
CA SER A 98 8.02 30.49 22.61
C SER A 98 6.93 31.29 23.32
N LEU A 99 6.87 31.10 24.65
CA LEU A 99 5.90 31.81 25.49
C LEU A 99 6.63 32.88 26.29
N ARG A 100 7.83 33.23 25.84
CA ARG A 100 8.63 34.23 26.53
C ARG A 100 8.13 35.64 26.23
N THR A 101 8.03 36.47 27.27
CA THR A 101 7.52 37.82 27.14
C THR A 101 8.44 38.76 26.38
N SER A 102 9.74 38.48 26.43
CA SER A 102 10.72 39.29 25.72
C SER A 102 11.51 38.36 24.78
N PHE A 103 12.12 38.93 23.75
CA PHE A 103 12.90 38.15 22.80
C PHE A 103 13.95 37.33 23.52
N ALA A 104 13.95 36.03 23.25
CA ALA A 104 14.91 35.11 23.86
C ALA A 104 16.03 34.85 22.86
N ASP A 105 17.28 34.98 23.32
CA ASP A 105 18.42 34.76 22.44
C ASP A 105 18.52 33.33 21.91
N PHE A 106 18.10 32.35 22.70
CA PHE A 106 18.18 30.97 22.21
C PHE A 106 17.22 30.71 21.05
N ALA A 107 16.40 31.70 20.72
CA ALA A 107 15.48 31.56 19.62
C ALA A 107 16.22 31.65 18.30
N THR A 108 17.30 32.43 18.26
CA THR A 108 18.09 32.67 17.06
C THR A 108 18.70 31.38 16.54
N ALA A 109 18.86 30.37 17.37
CA ALA A 109 19.43 29.10 16.93
C ALA A 109 18.45 28.29 16.06
N PHE A 110 17.18 28.64 16.11
CA PHE A 110 16.15 27.94 15.33
C PHE A 110 15.85 28.52 13.96
N THR A 111 15.42 27.65 13.05
CA THR A 111 15.06 28.01 11.69
C THR A 111 13.57 28.33 11.64
N GLU A 112 12.82 27.74 12.56
CA GLU A 112 11.39 27.96 12.67
C GLU A 112 11.01 28.32 14.10
N VAL A 113 10.32 29.46 14.26
CA VAL A 113 9.89 29.89 15.58
C VAL A 113 8.43 30.33 15.48
N VAL A 114 7.67 30.04 16.53
CA VAL A 114 6.27 30.43 16.60
C VAL A 114 6.10 31.30 17.83
N ASP A 115 5.55 32.49 17.64
CA ASP A 115 5.34 33.39 18.77
C ASP A 115 3.89 33.84 18.69
N PHE A 116 3.44 34.67 19.63
CA PHE A 116 2.04 35.08 19.64
C PHE A 116 1.78 36.56 19.92
N VAL A 117 0.60 37.00 19.52
CA VAL A 117 0.13 38.37 19.75
C VAL A 117 -1.15 38.15 20.54
N PRO A 118 -1.05 38.16 21.88
CA PRO A 118 -2.24 37.95 22.72
C PRO A 118 -3.36 38.95 22.44
N TYR A 119 -4.57 38.56 22.80
CA TYR A 119 -5.76 39.38 22.62
C TYR A 119 -5.72 40.60 23.55
N GLU A 120 -5.55 40.36 24.85
CA GLU A 120 -5.50 41.44 25.83
C GLU A 120 -4.56 42.55 25.39
N ASP A 121 -5.13 43.75 25.22
CA ASP A 121 -4.37 44.91 24.79
C ASP A 121 -3.11 45.18 25.63
N SER A 122 -3.20 44.92 26.93
CA SER A 122 -2.06 45.16 27.81
C SER A 122 -0.82 44.33 27.50
N LEU A 123 -0.95 43.30 26.66
CA LEU A 123 0.19 42.46 26.29
C LEU A 123 0.70 42.69 24.87
N LYS A 124 -0.07 43.42 24.06
CA LYS A 124 0.32 43.68 22.68
C LYS A 124 1.62 44.45 22.47
N GLN A 125 1.98 45.33 23.41
CA GLN A 125 3.22 46.08 23.24
C GLN A 125 4.42 45.15 23.36
N LEU A 126 4.41 44.28 24.36
CA LEU A 126 5.48 43.31 24.55
C LEU A 126 5.61 42.54 23.24
N ALA A 127 4.48 42.08 22.71
CA ALA A 127 4.48 41.33 21.46
C ALA A 127 5.12 42.16 20.32
N ARG A 128 4.85 43.46 20.30
CA ARG A 128 5.41 44.33 19.26
C ARG A 128 6.92 44.40 19.42
N GLU A 129 7.38 44.46 20.67
CA GLU A 129 8.80 44.54 20.95
C GLU A 129 9.46 43.24 20.46
N ARG A 130 8.82 42.12 20.75
CA ARG A 130 9.35 40.84 20.30
C ARG A 130 9.47 40.82 18.78
N TYR A 131 8.42 41.27 18.11
CA TYR A 131 8.38 41.31 16.65
C TYR A 131 9.63 42.00 16.10
N LYS A 132 9.87 43.22 16.57
CA LYS A 132 11.01 44.01 16.12
C LYS A 132 12.31 43.28 16.40
N ALA A 133 12.37 42.59 17.53
CA ALA A 133 13.56 41.86 17.91
C ALA A 133 13.85 40.69 16.95
N TYR A 134 12.81 40.00 16.49
CA TYR A 134 13.02 38.90 15.57
C TYR A 134 13.54 39.50 14.26
N ARG A 135 12.98 40.64 13.88
CA ARG A 135 13.37 41.33 12.66
C ARG A 135 14.87 41.64 12.74
N VAL A 136 15.31 42.19 13.87
CA VAL A 136 16.71 42.51 14.06
C VAL A 136 17.59 41.26 14.02
N ALA A 137 17.09 40.15 14.56
CA ALA A 137 17.85 38.90 14.58
C ALA A 137 17.90 38.17 13.24
N GLY A 138 17.35 38.79 12.21
CA GLY A 138 17.38 38.18 10.88
C GLY A 138 16.26 37.24 10.48
N PHE A 139 15.23 37.10 11.31
CA PHE A 139 14.12 36.20 10.96
C PHE A 139 13.23 36.81 9.89
N ASN A 140 12.62 35.95 9.08
CA ASN A 140 11.67 36.37 8.06
C ASN A 140 10.35 36.35 8.86
N LEU A 141 9.65 37.47 8.93
CA LEU A 141 8.44 37.56 9.72
C LEU A 141 7.10 37.54 8.98
N ASN A 142 6.10 36.97 9.68
CA ASN A 142 4.74 36.88 9.12
C ASN A 142 3.72 36.55 10.22
N THR A 143 2.54 37.08 10.08
CA THR A 143 1.49 36.88 11.09
C THR A 143 0.43 35.95 10.53
N ALA A 144 -0.32 35.28 11.40
CA ALA A 144 -1.37 34.40 10.93
C ALA A 144 -2.42 34.12 12.00
N THR A 145 -3.54 33.56 11.57
CA THR A 145 -4.63 33.18 12.47
C THR A 145 -4.67 31.66 12.36
N TRP A 146 -4.90 30.97 13.47
CA TRP A 146 -4.90 29.51 13.45
C TRP A 146 -6.24 28.84 13.20
N LYS A 147 -6.29 28.06 12.12
CA LYS A 147 -7.49 27.32 11.71
C LYS A 147 -7.13 26.12 10.83
N GLY B 2 2.72 -28.88 17.49
CA GLY B 2 2.18 -27.63 16.88
C GLY B 2 2.62 -27.49 15.43
N GLU B 3 1.94 -28.19 14.53
CA GLU B 3 2.27 -28.14 13.10
C GLU B 3 2.01 -26.77 12.49
N ILE B 4 0.74 -26.46 12.26
CA ILE B 4 0.34 -25.20 11.64
C ILE B 4 0.47 -24.05 12.64
N ALA B 5 1.00 -22.94 12.14
CA ALA B 5 1.17 -21.77 13.00
C ALA B 5 1.01 -20.50 12.17
N ILE B 6 0.77 -19.43 12.86
CA ILE B 6 0.73 -18.12 12.19
C ILE B 6 2.08 -17.42 12.25
N ALA B 7 2.67 -17.18 11.13
CA ALA B 7 4.00 -16.58 11.10
C ALA B 7 3.92 -15.06 10.98
N ILE B 8 4.85 -14.38 11.63
CA ILE B 8 4.93 -12.93 11.58
C ILE B 8 5.66 -12.53 10.31
N PRO B 9 5.01 -11.73 9.46
CA PRO B 9 5.66 -11.30 8.21
C PRO B 9 7.03 -10.68 8.48
N ALA B 10 7.92 -10.78 7.49
CA ALA B 10 9.27 -10.28 7.57
C ALA B 10 9.43 -8.79 7.88
N HIS B 11 8.51 -7.98 7.35
CA HIS B 11 8.56 -6.53 7.55
C HIS B 11 7.82 -6.01 8.79
N VAL B 12 7.07 -6.88 9.45
CA VAL B 12 6.32 -6.49 10.64
C VAL B 12 7.24 -6.28 11.84
N ARG B 13 7.02 -5.18 12.57
CA ARG B 13 7.83 -4.88 13.73
C ARG B 13 6.97 -4.66 14.98
N LEU B 14 5.65 -4.70 14.80
CA LEU B 14 4.76 -4.53 15.94
C LEU B 14 3.52 -5.39 15.77
N VAL B 15 3.20 -6.13 16.83
CA VAL B 15 2.00 -6.96 16.84
C VAL B 15 1.02 -6.23 17.75
N MET B 16 -0.14 -5.86 17.20
CA MET B 16 -1.16 -5.16 17.98
C MET B 16 -2.23 -6.17 18.36
N VAL B 17 -2.47 -6.32 19.66
CA VAL B 17 -3.44 -7.31 20.14
C VAL B 17 -4.59 -6.67 20.90
N ALA B 18 -5.80 -7.06 20.53
CA ALA B 18 -7.02 -6.55 21.17
C ALA B 18 -8.23 -7.37 20.74
N ASN B 19 -9.23 -7.43 21.61
CA ASN B 19 -10.49 -8.12 21.33
C ASN B 19 -11.17 -7.48 20.14
N ASP B 20 -11.15 -6.16 20.10
CA ASP B 20 -11.72 -5.39 18.99
C ASP B 20 -10.55 -4.71 18.27
N LEU B 21 -10.23 -5.18 17.08
CA LEU B 21 -9.13 -4.58 16.34
C LEU B 21 -9.57 -3.28 15.68
N PRO B 22 -9.01 -2.15 16.13
CA PRO B 22 -9.36 -0.84 15.59
C PRO B 22 -8.76 -0.67 14.19
N ALA B 23 -9.09 0.44 13.54
CA ALA B 23 -8.55 0.74 12.22
C ALA B 23 -7.22 1.43 12.49
N LEU B 24 -6.17 1.02 11.80
CA LEU B 24 -4.85 1.62 11.99
C LEU B 24 -4.85 3.10 11.65
N THR B 25 -5.89 3.55 10.94
CA THR B 25 -5.99 4.95 10.58
C THR B 25 -6.83 5.73 11.61
N ASP B 26 -7.20 5.07 12.70
CA ASP B 26 -7.94 5.71 13.78
C ASP B 26 -7.03 6.85 14.29
N PRO B 27 -7.61 8.01 14.62
CA PRO B 27 -6.81 9.16 15.09
C PRO B 27 -5.88 8.82 16.24
N LEU B 28 -6.42 8.21 17.28
CA LEU B 28 -5.64 7.87 18.45
C LEU B 28 -4.63 6.76 18.16
N VAL B 29 -5.06 5.70 17.46
CA VAL B 29 -4.15 4.61 17.13
C VAL B 29 -2.97 5.13 16.32
N SER B 30 -3.27 5.94 15.32
CA SER B 30 -2.23 6.50 14.47
C SER B 30 -1.19 7.31 15.25
N ASP B 31 -1.63 8.09 16.23
CA ASP B 31 -0.69 8.88 17.02
C ASP B 31 0.18 7.96 17.89
N VAL B 32 -0.39 6.88 18.41
CA VAL B 32 0.38 5.97 19.24
C VAL B 32 1.44 5.26 18.39
N LEU B 33 1.07 4.92 17.16
CA LEU B 33 2.02 4.26 16.27
C LEU B 33 3.17 5.20 15.96
N ARG B 34 2.85 6.47 15.72
CA ARG B 34 3.87 7.47 15.43
C ARG B 34 4.77 7.66 16.66
N ALA B 35 4.18 7.61 17.85
CA ALA B 35 4.93 7.74 19.10
C ALA B 35 5.94 6.60 19.19
N LEU B 36 5.53 5.42 18.75
CA LEU B 36 6.36 4.23 18.75
C LEU B 36 7.30 4.16 17.53
N THR B 37 7.29 5.22 16.72
CA THR B 37 8.08 5.26 15.50
C THR B 37 7.85 3.99 14.68
N VAL B 38 6.58 3.57 14.65
CA VAL B 38 6.19 2.38 13.92
C VAL B 38 5.19 2.79 12.83
N SER B 39 5.53 2.51 11.58
CA SER B 39 4.57 2.85 10.52
C SER B 39 3.43 1.84 10.48
N PRO B 40 2.23 2.26 10.15
CA PRO B 40 1.12 1.31 10.13
C PRO B 40 1.41 0.06 9.31
N ASP B 41 2.15 0.22 8.22
CA ASP B 41 2.48 -0.93 7.39
C ASP B 41 3.33 -1.98 8.10
N GLN B 42 3.92 -1.62 9.23
CA GLN B 42 4.74 -2.57 9.99
C GLN B 42 3.94 -3.23 11.12
N VAL B 43 2.62 -3.09 11.08
CA VAL B 43 1.77 -3.66 12.12
C VAL B 43 0.94 -4.89 11.76
N LEU B 44 0.97 -5.89 12.63
CA LEU B 44 0.20 -7.11 12.47
C LEU B 44 -0.83 -7.07 13.59
N GLN B 45 -2.11 -6.98 13.23
CA GLN B 45 -3.18 -6.95 14.22
C GLN B 45 -3.71 -8.35 14.43
N LEU B 46 -3.85 -8.76 15.69
CA LEU B 46 -4.33 -10.09 16.01
C LEU B 46 -5.15 -10.08 17.30
N THR B 47 -6.22 -10.87 17.32
CA THR B 47 -7.03 -10.97 18.52
C THR B 47 -6.24 -11.86 19.50
N PRO B 48 -6.53 -11.78 20.80
CA PRO B 48 -5.82 -12.57 21.81
C PRO B 48 -5.65 -14.07 21.49
N GLU B 49 -6.58 -14.63 20.73
CA GLU B 49 -6.59 -16.05 20.39
C GLU B 49 -5.29 -16.47 19.72
N LYS B 50 -5.25 -15.90 18.69
CA LYS B 50 -4.28 -16.19 17.65
C LYS B 50 -2.87 -16.12 18.19
N ILE B 51 -2.57 -15.30 19.16
CA ILE B 51 -1.19 -15.20 19.71
C ILE B 51 -0.65 -16.60 20.06
N ALA B 52 -1.55 -17.49 20.43
CA ALA B 52 -1.18 -18.87 20.80
C ALA B 52 -0.83 -19.68 19.56
N MET B 53 -1.15 -19.13 18.39
CA MET B 53 -0.86 -19.78 17.12
C MET B 53 0.48 -19.38 16.51
N LEU B 54 1.13 -18.39 17.12
CA LEU B 54 2.43 -17.93 16.65
C LEU B 54 3.47 -18.99 17.01
N PRO B 55 4.46 -19.21 16.11
CA PRO B 55 5.51 -20.21 16.35
C PRO B 55 6.31 -19.98 17.62
N GLN B 56 6.53 -21.06 18.36
CA GLN B 56 7.30 -21.03 19.60
C GLN B 56 8.61 -20.34 19.23
N GLY B 57 9.01 -19.32 19.98
CA GLY B 57 10.24 -18.63 19.67
C GLY B 57 10.08 -17.34 18.86
N SER B 58 8.86 -16.82 18.76
CA SER B 58 8.64 -15.59 18.03
C SER B 58 9.22 -14.42 18.82
N HIS B 59 9.69 -13.40 18.11
CA HIS B 59 10.27 -12.24 18.78
C HIS B 59 9.85 -10.98 18.03
N CYS B 60 8.96 -10.20 18.63
CA CYS B 60 8.48 -8.96 18.04
C CYS B 60 7.90 -8.11 19.16
N ASN B 61 8.03 -6.79 19.06
CA ASN B 61 7.47 -5.92 20.09
C ASN B 61 5.96 -5.95 19.89
N SER B 62 5.21 -5.65 20.95
CA SER B 62 3.77 -5.64 20.85
C SER B 62 3.13 -4.55 21.70
N TRP B 63 1.89 -4.26 21.36
CA TRP B 63 1.07 -3.30 22.07
C TRP B 63 -0.30 -3.94 22.23
N ARG B 64 -0.71 -4.22 23.47
CA ARG B 64 -2.01 -4.81 23.67
C ARG B 64 -2.95 -3.84 24.36
N LEU B 65 -4.21 -3.88 23.94
CA LEU B 65 -5.24 -3.01 24.49
C LEU B 65 -6.28 -3.85 25.22
N GLY B 66 -6.72 -3.37 26.38
CA GLY B 66 -7.72 -4.07 27.16
C GLY B 66 -7.50 -5.54 27.43
N THR B 67 -6.24 -5.98 27.43
CA THR B 67 -5.92 -7.38 27.70
C THR B 67 -4.79 -7.42 28.73
N ASP B 68 -5.14 -7.61 30.00
CA ASP B 68 -4.17 -7.65 31.08
C ASP B 68 -3.11 -8.75 30.97
N GLU B 69 -3.53 -9.97 30.67
CA GLU B 69 -2.60 -11.10 30.54
C GLU B 69 -1.53 -10.83 29.49
N PRO B 70 -0.25 -10.80 29.91
CA PRO B 70 0.89 -10.57 29.01
C PRO B 70 0.95 -11.62 27.91
N LEU B 71 1.40 -11.22 26.74
CA LEU B 71 1.50 -12.14 25.61
C LEU B 71 2.65 -13.12 25.78
N SER B 72 2.54 -14.28 25.13
CA SER B 72 3.60 -15.28 25.18
C SER B 72 4.37 -15.02 23.89
N LEU B 73 4.81 -13.77 23.75
CA LEU B 73 5.56 -13.32 22.59
C LEU B 73 6.73 -12.48 23.06
N GLU B 74 7.95 -12.96 22.82
CA GLU B 74 9.17 -12.26 23.21
C GLU B 74 9.17 -10.86 22.60
N GLY B 75 9.77 -9.89 23.31
CA GLY B 75 9.83 -8.54 22.82
C GLY B 75 9.34 -7.52 23.84
N ALA B 76 9.47 -6.24 23.52
CA ALA B 76 9.00 -5.20 24.44
C ALA B 76 7.49 -5.21 24.36
N GLN B 77 6.84 -5.33 25.50
CA GLN B 77 5.39 -5.36 25.53
C GLN B 77 4.78 -4.18 26.23
N VAL B 78 4.09 -3.36 25.45
CA VAL B 78 3.40 -2.20 25.97
C VAL B 78 1.94 -2.62 26.14
N ALA B 79 1.33 -2.17 27.23
CA ALA B 79 -0.07 -2.49 27.52
C ALA B 79 -0.83 -1.23 27.89
N SER B 80 -2.07 -1.14 27.43
CA SER B 80 -2.91 0.02 27.70
C SER B 80 -4.34 -0.45 27.83
N PRO B 81 -5.23 0.40 28.36
CA PRO B 81 -6.62 -0.03 28.48
C PRO B 81 -7.19 -0.20 27.06
N ALA B 82 -8.45 -0.62 26.95
CA ALA B 82 -9.08 -0.78 25.65
C ALA B 82 -9.00 0.59 24.95
N LEU B 83 -9.17 0.62 23.63
CA LEU B 83 -9.08 1.89 22.91
C LEU B 83 -10.14 2.86 23.40
N THR B 84 -11.35 2.36 23.63
CA THR B 84 -12.45 3.17 24.10
C THR B 84 -12.06 3.97 25.34
N ASP B 85 -11.42 3.28 26.28
CA ASP B 85 -11.00 3.89 27.53
C ASP B 85 -9.74 4.74 27.40
N LEU B 86 -8.87 4.37 26.48
CA LEU B 86 -7.65 5.13 26.29
C LEU B 86 -8.03 6.49 25.72
N ARG B 87 -8.92 6.49 24.74
CA ARG B 87 -9.37 7.72 24.09
C ARG B 87 -9.98 8.73 25.07
N ALA B 88 -10.58 8.24 26.15
CA ALA B 88 -11.23 9.12 27.12
C ALA B 88 -10.47 9.37 28.42
N ASN B 89 -9.34 8.69 28.61
CA ASN B 89 -8.58 8.87 29.84
C ASN B 89 -7.19 9.45 29.58
N PRO B 90 -7.02 10.77 29.76
CA PRO B 90 -5.73 11.44 29.55
C PRO B 90 -4.64 10.83 30.42
N THR B 91 -5.01 10.43 31.63
CA THR B 91 -4.07 9.84 32.56
C THR B 91 -3.55 8.52 32.00
N ALA B 92 -4.44 7.77 31.38
CA ALA B 92 -4.10 6.49 30.78
C ALA B 92 -3.10 6.69 29.65
N ARG B 93 -3.29 7.76 28.89
CA ARG B 93 -2.40 8.06 27.78
C ARG B 93 -1.00 8.42 28.27
N ALA B 94 -0.92 9.23 29.32
CA ALA B 94 0.38 9.59 29.84
C ALA B 94 1.06 8.31 30.36
N ALA B 95 0.30 7.44 31.00
CA ALA B 95 0.87 6.20 31.52
C ALA B 95 1.38 5.33 30.37
N LEU B 96 0.65 5.30 29.27
CA LEU B 96 1.09 4.50 28.13
C LEU B 96 2.45 5.04 27.66
N TRP B 97 2.58 6.35 27.52
CA TRP B 97 3.84 6.97 27.08
C TRP B 97 4.97 6.60 28.04
N GLN B 98 4.68 6.71 29.33
CA GLN B 98 5.64 6.40 30.37
C GLN B 98 6.12 4.97 30.18
N GLN B 99 5.17 4.08 29.89
CA GLN B 99 5.47 2.68 29.67
C GLN B 99 6.35 2.54 28.43
N ILE B 100 6.04 3.30 27.39
CA ILE B 100 6.82 3.29 26.14
C ILE B 100 8.25 3.78 26.40
N CYS B 101 8.41 4.81 27.23
CA CYS B 101 9.73 5.34 27.54
C CYS B 101 10.60 4.33 28.27
N THR B 102 9.99 3.54 29.14
CA THR B 102 10.72 2.51 29.87
C THR B 102 11.36 1.55 28.87
N TYR B 103 10.76 1.46 27.69
CA TYR B 103 11.25 0.58 26.64
C TYR B 103 11.87 1.35 25.49
N GLU B 104 12.42 2.53 25.76
CA GLU B 104 13.01 3.34 24.70
C GLU B 104 14.05 2.57 23.89
N HIS B 105 14.81 1.69 24.54
CA HIS B 105 15.83 0.93 23.84
C HIS B 105 15.24 -0.06 22.82
N ASP B 106 13.99 -0.47 23.01
CA ASP B 106 13.35 -1.39 22.09
C ASP B 106 12.66 -0.65 20.94
N PHE B 107 12.10 0.52 21.21
CA PHE B 107 11.42 1.30 20.18
C PHE B 107 12.21 2.44 19.53
N PHE B 108 13.07 3.12 20.32
CA PHE B 108 13.87 4.24 19.81
C PHE B 108 15.36 3.90 19.91
N PRO B 109 15.80 2.83 19.25
CA PRO B 109 17.22 2.46 19.32
C PRO B 109 18.17 3.59 18.94
N ARG B 110 19.21 3.77 19.73
CA ARG B 110 20.20 4.82 19.49
C ARG B 110 21.14 4.41 18.37
N ASN B 111 21.65 5.40 17.65
CA ASN B 111 22.57 5.18 16.55
C ASN B 111 23.19 6.50 16.10
N MET C 1 12.14 4.12 -31.75
CA MET C 1 11.21 5.16 -31.35
C MET C 1 10.00 4.58 -30.62
N LYS C 2 9.50 5.28 -29.66
CA LYS C 2 8.39 4.76 -28.89
C LYS C 2 7.08 5.26 -29.49
N ASN C 3 6.03 4.41 -29.39
CA ASN C 3 4.72 4.74 -29.93
C ASN C 3 3.58 4.69 -28.91
N ALA C 4 2.72 5.75 -29.02
CA ALA C 4 1.60 5.86 -28.09
C ALA C 4 0.33 5.94 -28.91
N THR C 5 -0.66 5.14 -28.52
CA THR C 5 -1.92 5.09 -29.24
C THR C 5 -3.13 5.38 -28.33
N PHE C 6 -3.90 6.40 -28.65
CA PHE C 6 -5.09 6.73 -27.89
C PHE C 6 -6.32 6.19 -28.63
N TYR C 7 -7.10 5.33 -27.97
CA TYR C 7 -8.31 4.83 -28.58
C TYR C 7 -9.43 5.75 -28.15
N LEU C 8 -10.24 6.16 -29.11
CA LEU C 8 -11.36 7.07 -28.83
C LEU C 8 -12.62 6.26 -28.54
N LEU C 9 -13.24 6.51 -27.40
CA LEU C 9 -14.49 5.82 -27.04
C LEU C 9 -15.69 6.66 -27.50
N ASP C 10 -16.66 6.03 -28.17
CA ASP C 10 -17.85 6.75 -28.63
C ASP C 10 -19.05 6.48 -27.74
N ASN C 11 -18.79 6.13 -26.48
CA ASN C 11 -19.84 5.85 -25.51
C ASN C 11 -19.24 5.67 -24.12
N ASP C 12 -20.08 5.76 -23.09
CA ASP C 12 -19.62 5.59 -21.72
C ASP C 12 -20.50 4.53 -21.05
N THR C 13 -20.97 3.58 -21.83
CA THR C 13 -21.82 2.51 -21.34
C THR C 13 -21.08 1.57 -20.38
N THR C 14 -21.52 1.54 -19.13
CA THR C 14 -20.92 0.69 -18.11
C THR C 14 -21.59 -0.69 -18.15
N VAL C 15 -20.77 -1.73 -18.01
CA VAL C 15 -21.29 -3.10 -18.02
C VAL C 15 -20.65 -3.88 -16.88
N ASP C 16 -21.46 -4.58 -16.10
CA ASP C 16 -20.94 -5.37 -14.98
C ASP C 16 -19.92 -4.58 -14.15
N GLY C 17 -20.27 -3.35 -13.81
CA GLY C 17 -19.38 -2.53 -13.01
C GLY C 17 -18.11 -2.05 -13.71
N LEU C 18 -17.98 -2.32 -15.00
CA LEU C 18 -16.81 -1.89 -15.76
C LEU C 18 -17.13 -0.70 -16.64
N SER C 19 -16.26 0.30 -16.62
CA SER C 19 -16.48 1.46 -17.46
C SER C 19 -16.20 1.02 -18.90
N ALA C 20 -16.59 1.85 -19.86
CA ALA C 20 -16.35 1.54 -21.27
C ALA C 20 -14.86 1.38 -21.51
N VAL C 21 -14.06 2.20 -20.83
CA VAL C 21 -12.61 2.10 -21.00
C VAL C 21 -12.11 0.73 -20.51
N GLU C 22 -12.57 0.30 -19.35
CA GLU C 22 -12.13 -0.98 -18.79
C GLU C 22 -12.54 -2.18 -19.63
N GLN C 23 -13.70 -2.09 -20.28
CA GLN C 23 -14.16 -3.18 -21.14
C GLN C 23 -13.21 -3.26 -22.34
N LEU C 24 -12.82 -2.10 -22.85
CA LEU C 24 -11.91 -2.03 -23.99
C LEU C 24 -10.53 -2.57 -23.60
N VAL C 25 -10.09 -2.28 -22.37
CA VAL C 25 -8.80 -2.77 -21.90
C VAL C 25 -8.71 -4.28 -22.01
N CYS C 26 -9.76 -4.97 -21.56
CA CYS C 26 -9.78 -6.43 -21.64
C CYS C 26 -9.58 -6.90 -23.08
N GLU C 27 -10.26 -6.27 -24.02
CA GLU C 27 -10.13 -6.67 -25.42
C GLU C 27 -8.71 -6.51 -25.96
N ILE C 28 -8.09 -5.37 -25.71
CA ILE C 28 -6.75 -5.08 -26.20
C ILE C 28 -5.69 -5.97 -25.54
N ALA C 29 -5.81 -6.15 -24.23
CA ALA C 29 -4.89 -7.00 -23.49
C ALA C 29 -4.93 -8.40 -24.10
N ALA C 30 -6.14 -8.89 -24.36
CA ALA C 30 -6.30 -10.22 -24.95
C ALA C 30 -5.73 -10.24 -26.38
N GLU C 31 -6.04 -9.22 -27.17
CA GLU C 31 -5.55 -9.14 -28.55
C GLU C 31 -4.03 -9.06 -28.62
N ARG C 32 -3.43 -8.29 -27.71
CA ARG C 32 -1.97 -8.18 -27.71
C ARG C 32 -1.28 -9.45 -27.20
N TRP C 33 -1.88 -10.11 -26.22
CA TRP C 33 -1.29 -11.34 -25.69
C TRP C 33 -1.33 -12.43 -26.75
N ARG C 34 -2.46 -12.56 -27.44
CA ARG C 34 -2.62 -13.54 -28.50
C ARG C 34 -1.63 -13.29 -29.63
N SER C 35 -1.19 -12.04 -29.78
CA SER C 35 -0.23 -11.74 -30.83
C SER C 35 1.18 -12.00 -30.30
N GLY C 36 1.26 -12.60 -29.12
CA GLY C 36 2.55 -12.96 -28.55
C GLY C 36 3.25 -11.95 -27.66
N LYS C 37 2.53 -10.93 -27.19
CA LYS C 37 3.15 -9.91 -26.35
C LYS C 37 2.91 -10.12 -24.86
N ARG C 38 3.85 -9.64 -24.04
CA ARG C 38 3.68 -9.68 -22.59
C ARG C 38 3.11 -8.28 -22.33
N VAL C 39 2.05 -8.21 -21.53
CA VAL C 39 1.33 -6.96 -21.28
C VAL C 39 1.27 -6.44 -19.84
N LEU C 40 1.38 -5.13 -19.68
CA LEU C 40 1.27 -4.51 -18.36
C LEU C 40 0.12 -3.54 -18.41
N ILE C 41 -0.81 -3.69 -17.48
CA ILE C 41 -1.94 -2.80 -17.40
C ILE C 41 -1.72 -1.93 -16.18
N ALA C 42 -1.44 -0.65 -16.40
CA ALA C 42 -1.20 0.28 -15.29
C ALA C 42 -2.48 0.96 -14.83
N CYS C 43 -3.10 0.44 -13.77
CA CYS C 43 -4.32 1.01 -13.23
C CYS C 43 -4.04 2.26 -12.41
N GLU C 44 -5.07 3.10 -12.25
CA GLU C 44 -4.94 4.34 -11.48
C GLU C 44 -4.96 4.04 -10.00
N ASP C 45 -5.60 2.94 -9.62
CA ASP C 45 -5.66 2.53 -8.21
C ASP C 45 -5.80 1.02 -8.05
N GLU C 46 -5.65 0.57 -6.81
CA GLU C 46 -5.73 -0.84 -6.47
C GLU C 46 -7.11 -1.45 -6.77
N LYS C 47 -8.13 -0.69 -6.51
CA LYS C 47 -9.52 -1.12 -6.66
C LYS C 47 -9.82 -1.49 -8.12
N GLN C 48 -9.34 -0.62 -9.00
CA GLN C 48 -9.47 -0.78 -10.46
C GLN C 48 -8.69 -2.04 -10.87
N ALA C 49 -7.56 -2.29 -10.23
CA ALA C 49 -6.74 -3.46 -10.54
C ALA C 49 -7.54 -4.72 -10.25
N TYR C 50 -8.07 -4.83 -9.03
CA TYR C 50 -8.87 -5.99 -8.68
C TYR C 50 -10.08 -6.18 -9.58
N ARG C 51 -10.67 -5.07 -10.01
CA ARG C 51 -11.83 -5.11 -10.90
C ARG C 51 -11.44 -5.76 -12.24
N LEU C 52 -10.35 -5.28 -12.85
CA LEU C 52 -9.89 -5.84 -14.11
C LEU C 52 -9.39 -7.27 -13.94
N ASP C 53 -8.77 -7.57 -12.81
CA ASP C 53 -8.29 -8.92 -12.60
C ASP C 53 -9.46 -9.90 -12.68
N GLU C 54 -10.59 -9.51 -12.10
CA GLU C 54 -11.78 -10.36 -12.14
C GLU C 54 -12.37 -10.35 -13.55
N ALA C 55 -12.46 -9.17 -14.14
CA ALA C 55 -13.03 -9.01 -15.48
C ALA C 55 -12.33 -9.83 -16.56
N LEU C 56 -11.00 -9.90 -16.51
CA LEU C 56 -10.24 -10.64 -17.51
C LEU C 56 -10.45 -12.16 -17.55
N TRP C 57 -11.13 -12.71 -16.56
CA TRP C 57 -11.43 -14.13 -16.55
C TRP C 57 -12.79 -14.36 -17.21
N ALA C 58 -13.49 -13.26 -17.48
CA ALA C 58 -14.82 -13.33 -18.08
C ALA C 58 -14.86 -12.62 -19.44
N ARG C 59 -13.94 -11.69 -19.66
CA ARG C 59 -13.90 -10.94 -20.91
C ARG C 59 -12.48 -11.00 -21.48
N PRO C 60 -12.34 -11.03 -22.81
CA PRO C 60 -13.40 -11.05 -23.84
C PRO C 60 -14.06 -12.43 -23.84
N ALA C 61 -15.26 -12.52 -24.40
CA ALA C 61 -15.94 -13.81 -24.46
C ALA C 61 -15.08 -14.75 -25.29
N GLU C 62 -15.28 -16.05 -25.10
CA GLU C 62 -14.52 -17.04 -25.85
C GLU C 62 -13.02 -16.88 -25.69
N SER C 63 -12.54 -16.72 -24.46
CA SER C 63 -11.10 -16.56 -24.26
C SER C 63 -10.62 -17.11 -22.93
N PHE C 64 -9.30 -17.27 -22.84
CA PHE C 64 -8.62 -17.75 -21.65
C PHE C 64 -7.38 -16.89 -21.64
N VAL C 65 -7.45 -15.75 -20.95
CA VAL C 65 -6.32 -14.83 -20.89
C VAL C 65 -5.58 -14.97 -19.57
N PRO C 66 -4.40 -15.59 -19.60
CA PRO C 66 -3.59 -15.78 -18.39
C PRO C 66 -3.13 -14.43 -17.85
N HIS C 67 -3.49 -14.13 -16.61
CA HIS C 67 -3.09 -12.86 -15.99
C HIS C 67 -3.10 -12.97 -14.48
N ASN C 68 -2.42 -12.03 -13.83
CA ASN C 68 -2.31 -11.96 -12.37
C ASN C 68 -2.01 -10.52 -11.99
N LEU C 69 -2.29 -10.19 -10.74
CA LEU C 69 -1.99 -8.86 -10.22
C LEU C 69 -0.48 -8.77 -10.09
N ALA C 70 0.04 -7.55 -10.06
CA ALA C 70 1.48 -7.38 -9.89
C ALA C 70 1.83 -8.05 -8.56
N GLY C 71 2.97 -8.75 -8.53
CA GLY C 71 3.38 -9.43 -7.32
C GLY C 71 2.91 -10.87 -7.24
N GLU C 72 2.02 -11.28 -8.15
CA GLU C 72 1.53 -12.65 -8.14
C GLU C 72 1.80 -13.34 -9.47
N GLY C 73 1.32 -14.57 -9.60
CA GLY C 73 1.55 -15.33 -10.83
C GLY C 73 2.89 -16.06 -10.84
N PRO C 74 3.24 -16.70 -11.97
CA PRO C 74 4.49 -17.46 -12.15
C PRO C 74 5.72 -16.55 -12.09
N ARG C 75 6.91 -17.15 -12.19
CA ARG C 75 8.15 -16.38 -12.15
C ARG C 75 8.20 -15.49 -13.38
N GLY C 76 8.55 -14.22 -13.17
CA GLY C 76 8.60 -13.29 -14.27
C GLY C 76 7.25 -12.62 -14.48
N GLY C 77 6.26 -13.00 -13.68
CA GLY C 77 4.92 -12.45 -13.81
C GLY C 77 4.12 -13.18 -14.87
N ALA C 78 2.81 -12.99 -14.88
CA ALA C 78 1.95 -13.63 -15.86
C ALA C 78 2.11 -12.92 -17.21
N PRO C 79 1.66 -13.56 -18.30
CA PRO C 79 1.77 -12.97 -19.64
C PRO C 79 1.09 -11.59 -19.64
N VAL C 80 -0.01 -11.50 -18.90
CA VAL C 80 -0.73 -10.24 -18.75
C VAL C 80 -0.69 -9.89 -17.25
N GLU C 81 -0.09 -8.75 -16.92
CA GLU C 81 0.01 -8.32 -15.53
C GLU C 81 -0.73 -7.01 -15.28
N ILE C 82 -1.42 -6.95 -14.14
CA ILE C 82 -2.20 -5.79 -13.76
C ILE C 82 -1.62 -5.13 -12.51
N ALA C 83 -1.08 -3.93 -12.66
CA ALA C 83 -0.51 -3.24 -11.52
C ALA C 83 -1.23 -1.94 -11.18
N TRP C 84 -0.82 -1.34 -10.07
CA TRP C 84 -1.37 -0.08 -9.60
C TRP C 84 -0.19 0.78 -9.11
N PRO C 85 -0.34 2.10 -9.03
CA PRO C 85 0.66 3.11 -8.68
C PRO C 85 1.61 2.62 -7.58
N GLN C 86 1.16 2.28 -6.42
CA GLN C 86 2.06 1.85 -5.36
C GLN C 86 2.14 0.32 -5.30
N LYS C 87 2.52 -0.26 -6.45
CA LYS C 87 2.79 -1.71 -6.62
C LYS C 87 3.86 -1.93 -7.68
N ARG C 88 4.90 -2.67 -7.32
CA ARG C 88 5.98 -2.96 -8.25
C ARG C 88 5.54 -3.94 -9.33
N SER C 89 5.95 -3.70 -10.57
CA SER C 89 5.60 -4.59 -11.66
C SER C 89 6.82 -5.33 -12.19
N SER C 90 6.59 -6.42 -12.91
CA SER C 90 7.67 -7.23 -13.48
C SER C 90 8.12 -6.69 -14.83
N SER C 91 9.43 -6.78 -15.08
CA SER C 91 10.06 -6.29 -16.31
C SER C 91 9.85 -7.17 -17.55
N ARG C 92 10.55 -6.82 -18.62
CA ARG C 92 10.49 -7.56 -19.88
C ARG C 92 9.11 -7.59 -20.53
N ARG C 93 8.41 -6.46 -20.51
CA ARG C 93 7.10 -6.41 -21.12
C ARG C 93 7.14 -5.58 -22.39
N ASP C 94 6.32 -5.98 -23.34
CA ASP C 94 6.28 -5.35 -24.66
C ASP C 94 5.36 -4.16 -24.84
N ILE C 95 4.21 -4.18 -24.17
CA ILE C 95 3.28 -3.08 -24.32
C ILE C 95 2.58 -2.72 -23.02
N LEU C 96 2.40 -1.41 -22.83
CA LEU C 96 1.74 -0.87 -21.65
C LEU C 96 0.34 -0.38 -21.99
N ILE C 97 -0.63 -0.71 -21.14
CA ILE C 97 -1.98 -0.23 -21.33
C ILE C 97 -2.20 0.61 -20.08
N SER C 98 -2.11 1.93 -20.25
CA SER C 98 -2.27 2.86 -19.13
C SER C 98 -3.69 3.34 -18.87
N LEU C 99 -4.09 3.28 -17.62
CA LEU C 99 -5.40 3.80 -17.18
C LEU C 99 -5.24 4.97 -16.21
N ARG C 100 -3.98 5.44 -16.13
CA ARG C 100 -3.68 6.53 -15.22
C ARG C 100 -4.27 7.84 -15.72
N THR C 101 -4.94 8.56 -14.83
CA THR C 101 -5.57 9.82 -15.20
C THR C 101 -4.55 10.86 -15.70
N SER C 102 -3.31 10.74 -15.24
CA SER C 102 -2.25 11.66 -15.65
C SER C 102 -1.07 10.90 -16.26
N PHE C 103 -0.35 11.53 -17.18
CA PHE C 103 0.82 10.91 -17.83
C PHE C 103 1.89 10.54 -16.81
N ALA C 104 2.34 9.30 -16.87
CA ALA C 104 3.38 8.81 -15.96
C ALA C 104 4.68 8.63 -16.73
N ASP C 105 5.76 9.20 -16.20
CA ASP C 105 7.08 9.08 -16.81
C ASP C 105 7.42 7.61 -16.95
N PHE C 106 6.81 6.79 -16.12
CA PHE C 106 7.02 5.34 -16.15
C PHE C 106 6.80 4.80 -17.56
N ALA C 107 5.84 5.41 -18.27
CA ALA C 107 5.49 5.01 -19.63
C ALA C 107 6.68 5.09 -20.62
N THR C 108 7.64 5.97 -20.36
CA THR C 108 8.78 6.12 -21.26
C THR C 108 9.68 4.88 -21.30
N ALA C 109 9.42 3.91 -20.41
CA ALA C 109 10.22 2.69 -20.38
C ALA C 109 9.75 1.71 -21.47
N PHE C 110 8.59 1.97 -22.05
CA PHE C 110 8.05 1.10 -23.09
C PHE C 110 8.15 1.71 -24.48
N THR C 111 8.02 0.86 -25.49
CA THR C 111 8.04 1.32 -26.86
C THR C 111 6.65 1.32 -27.45
N GLU C 112 5.71 0.70 -26.72
CA GLU C 112 4.32 0.63 -27.16
C GLU C 112 3.44 0.95 -25.96
N VAL C 113 2.68 2.03 -26.07
CA VAL C 113 1.79 2.45 -24.99
C VAL C 113 0.40 2.71 -25.56
N VAL C 114 -0.61 2.28 -24.81
CA VAL C 114 -1.99 2.48 -25.22
C VAL C 114 -2.65 3.33 -24.14
N ASP C 115 -3.29 4.41 -24.56
CA ASP C 115 -3.97 5.29 -23.63
C ASP C 115 -5.38 5.49 -24.21
N PHE C 116 -6.22 6.27 -23.54
CA PHE C 116 -7.58 6.43 -24.05
C PHE C 116 -8.15 7.84 -23.98
N VAL C 117 -9.20 8.05 -24.76
CA VAL C 117 -9.93 9.32 -24.78
C VAL C 117 -11.36 8.96 -24.41
N PRO C 118 -11.69 9.05 -23.11
CA PRO C 118 -13.03 8.71 -22.61
C PRO C 118 -14.12 9.53 -23.30
N TYR C 119 -15.34 9.02 -23.27
CA TYR C 119 -16.47 9.71 -23.89
C TYR C 119 -16.87 10.99 -23.15
N GLU C 120 -17.05 10.90 -21.83
CA GLU C 120 -17.45 12.07 -21.05
C GLU C 120 -16.59 13.29 -21.34
N ASP C 121 -17.22 14.46 -21.31
CA ASP C 121 -16.56 15.73 -21.57
C ASP C 121 -15.40 16.06 -20.63
N SER C 122 -15.55 15.71 -19.35
CA SER C 122 -14.50 15.97 -18.36
C SER C 122 -13.25 15.14 -18.59
N LEU C 123 -13.43 13.83 -18.67
CA LEU C 123 -12.32 12.92 -18.88
C LEU C 123 -11.55 13.23 -20.16
N LYS C 124 -12.20 13.89 -21.12
CA LYS C 124 -11.53 14.25 -22.36
C LYS C 124 -10.47 15.31 -22.13
N GLN C 125 -10.77 16.32 -21.33
CA GLN C 125 -9.80 17.37 -21.04
C GLN C 125 -8.53 16.73 -20.45
N LEU C 126 -8.72 15.75 -19.57
CA LEU C 126 -7.61 15.04 -18.97
C LEU C 126 -6.86 14.26 -20.06
N ALA C 127 -7.62 13.70 -20.99
CA ALA C 127 -7.04 12.96 -22.11
C ALA C 127 -6.20 13.92 -22.94
N ARG C 128 -6.73 15.11 -23.19
CA ARG C 128 -6.04 16.14 -23.95
C ARG C 128 -4.69 16.38 -23.29
N GLU C 129 -4.72 16.53 -21.97
CA GLU C 129 -3.52 16.77 -21.17
C GLU C 129 -2.52 15.63 -21.35
N ARG C 130 -2.98 14.39 -21.20
CA ARG C 130 -2.08 13.26 -21.34
C ARG C 130 -1.45 13.23 -22.72
N TYR C 131 -2.25 13.55 -23.74
CA TYR C 131 -1.79 13.55 -25.13
C TYR C 131 -0.57 14.46 -25.30
N LYS C 132 -0.66 15.68 -24.78
CA LYS C 132 0.43 16.64 -24.87
C LYS C 132 1.67 16.12 -24.14
N ALA C 133 1.47 15.52 -22.97
CA ALA C 133 2.58 14.98 -22.20
C ALA C 133 3.34 13.92 -23.00
N TYR C 134 2.63 12.97 -23.62
CA TYR C 134 3.29 11.95 -24.42
C TYR C 134 4.12 12.61 -25.52
N ARG C 135 3.57 13.67 -26.12
CA ARG C 135 4.27 14.40 -27.18
C ARG C 135 5.60 14.96 -26.66
N VAL C 136 5.53 15.72 -25.57
CA VAL C 136 6.74 16.33 -25.02
C VAL C 136 7.70 15.26 -24.51
N ALA C 137 7.17 14.10 -24.16
CA ALA C 137 8.01 13.00 -23.69
C ALA C 137 8.71 12.35 -24.90
N GLY C 138 8.30 12.72 -26.11
CA GLY C 138 8.93 12.18 -27.30
C GLY C 138 8.28 10.98 -27.99
N PHE C 139 7.04 10.67 -27.65
CA PHE C 139 6.35 9.54 -28.27
C PHE C 139 5.77 9.88 -29.64
N ASN C 140 5.70 8.88 -30.52
CA ASN C 140 5.10 9.07 -31.83
C ASN C 140 3.64 8.75 -31.53
N LEU C 141 2.77 9.76 -31.72
CA LEU C 141 1.36 9.64 -31.41
C LEU C 141 0.41 9.22 -32.52
N ASN C 142 -0.53 8.35 -32.16
CA ASN C 142 -1.53 7.85 -33.08
C ASN C 142 -2.85 7.93 -32.35
N THR C 143 -3.93 7.93 -33.13
CA THR C 143 -5.27 7.96 -32.58
C THR C 143 -6.06 6.93 -33.37
N ALA C 144 -7.01 6.27 -32.73
CA ALA C 144 -7.80 5.27 -33.43
C ALA C 144 -9.04 4.83 -32.67
N THR C 145 -9.90 4.09 -33.37
CA THR C 145 -11.12 3.55 -32.79
C THR C 145 -10.90 2.04 -32.86
N TRP C 146 -11.14 1.36 -31.75
CA TRP C 146 -10.93 -0.08 -31.70
C TRP C 146 -11.95 -0.81 -32.58
N LYS C 147 -11.44 -1.54 -33.58
CA LYS C 147 -12.32 -2.27 -34.48
C LYS C 147 -11.57 -3.45 -35.13
N GLN D 1 1.71 -60.76 -35.35
CA GLN D 1 2.89 -59.85 -35.56
C GLN D 1 3.06 -58.87 -34.40
N GLY D 2 2.47 -59.19 -33.25
CA GLY D 2 2.58 -58.32 -32.10
C GLY D 2 1.26 -57.61 -31.82
N GLU D 3 1.31 -56.61 -30.95
CA GLU D 3 0.11 -55.85 -30.63
C GLU D 3 0.23 -54.41 -31.14
N ILE D 4 -0.88 -53.76 -31.38
CA ILE D 4 -0.84 -52.38 -31.88
C ILE D 4 -0.80 -51.39 -30.72
N ALA D 5 0.01 -50.35 -30.91
CA ALA D 5 0.17 -49.31 -29.90
C ALA D 5 0.18 -47.95 -30.57
N ILE D 6 -0.06 -46.92 -29.78
CA ILE D 6 -0.04 -45.55 -30.28
C ILE D 6 1.18 -44.92 -29.64
N ALA D 7 2.21 -44.70 -30.43
CA ALA D 7 3.44 -44.11 -29.94
C ALA D 7 3.38 -42.58 -30.04
N ILE D 8 3.90 -41.91 -29.01
CA ILE D 8 3.93 -40.45 -29.00
C ILE D 8 5.05 -39.96 -29.92
N PRO D 9 4.70 -39.14 -30.92
CA PRO D 9 5.71 -38.61 -31.85
C PRO D 9 6.82 -37.86 -31.12
N ALA D 10 8.00 -37.80 -31.73
CA ALA D 10 9.16 -37.14 -31.15
C ALA D 10 8.98 -35.66 -30.83
N HIS D 11 8.12 -34.98 -31.58
CA HIS D 11 7.91 -33.55 -31.37
C HIS D 11 6.76 -33.22 -30.41
N VAL D 12 5.86 -34.17 -30.19
CA VAL D 12 4.72 -33.92 -29.29
C VAL D 12 5.14 -33.59 -27.87
N ARG D 13 4.64 -32.47 -27.36
CA ARG D 13 4.98 -32.06 -26.01
C ARG D 13 3.78 -32.02 -25.05
N LEU D 14 2.60 -32.38 -25.55
CA LEU D 14 1.42 -32.40 -24.70
C LEU D 14 0.42 -33.44 -25.23
N VAL D 15 -0.10 -34.25 -24.30
CA VAL D 15 -1.10 -35.23 -24.66
C VAL D 15 -2.40 -34.69 -24.07
N MET D 16 -3.38 -34.43 -24.93
CA MET D 16 -4.67 -33.91 -24.50
C MET D 16 -5.70 -35.02 -24.46
N VAL D 17 -6.35 -35.20 -23.31
CA VAL D 17 -7.36 -36.25 -23.14
C VAL D 17 -8.74 -35.73 -22.75
N ALA D 18 -9.76 -36.29 -23.41
CA ALA D 18 -11.16 -35.93 -23.16
C ALA D 18 -12.06 -36.88 -23.94
N ASN D 19 -13.22 -37.20 -23.38
CA ASN D 19 -14.14 -38.09 -24.08
C ASN D 19 -14.59 -37.45 -25.38
N ASP D 20 -14.87 -36.19 -25.33
CA ASP D 20 -15.20 -35.41 -26.49
C ASP D 20 -14.11 -34.40 -26.80
N LEU D 21 -13.23 -34.80 -27.69
CA LEU D 21 -12.06 -34.00 -28.05
C LEU D 21 -12.38 -32.72 -28.82
N PRO D 22 -12.09 -31.57 -28.23
CA PRO D 22 -12.35 -30.28 -28.87
C PRO D 22 -11.39 -30.05 -30.04
N ALA D 23 -11.71 -29.10 -30.90
CA ALA D 23 -10.85 -28.79 -32.03
C ALA D 23 -9.73 -27.92 -31.47
N LEU D 24 -8.51 -28.12 -31.93
CA LEU D 24 -7.41 -27.33 -31.42
C LEU D 24 -7.51 -25.88 -31.86
N THR D 25 -8.38 -25.60 -32.83
CA THR D 25 -8.60 -24.23 -33.32
C THR D 25 -9.67 -23.51 -32.52
N ASP D 26 -10.32 -24.24 -31.63
CA ASP D 26 -11.35 -23.68 -30.76
C ASP D 26 -10.65 -22.52 -30.03
N PRO D 27 -11.28 -21.33 -29.99
CA PRO D 27 -10.66 -20.16 -29.32
C PRO D 27 -10.20 -20.39 -27.87
N LEU D 28 -11.03 -21.06 -27.08
CA LEU D 28 -10.66 -21.33 -25.69
C LEU D 28 -9.46 -22.29 -25.62
N VAL D 29 -9.54 -23.42 -26.32
CA VAL D 29 -8.45 -24.39 -26.33
C VAL D 29 -7.17 -23.73 -26.87
N SER D 30 -7.31 -22.89 -27.88
CA SER D 30 -6.16 -22.20 -28.45
C SER D 30 -5.45 -21.36 -27.41
N ASP D 31 -6.21 -20.57 -26.65
CA ASP D 31 -5.61 -19.73 -25.62
C ASP D 31 -4.93 -20.55 -24.53
N VAL D 32 -5.56 -21.66 -24.13
CA VAL D 32 -4.98 -22.50 -23.09
C VAL D 32 -3.62 -23.04 -23.56
N LEU D 33 -3.56 -23.52 -24.80
CA LEU D 33 -2.30 -24.04 -25.34
C LEU D 33 -1.25 -22.93 -25.36
N ARG D 34 -1.68 -21.71 -25.65
CA ARG D 34 -0.79 -20.56 -25.69
C ARG D 34 -0.30 -20.26 -24.28
N ALA D 35 -1.16 -20.45 -23.30
CA ALA D 35 -0.80 -20.22 -21.92
C ALA D 35 0.21 -21.27 -21.46
N LEU D 36 0.10 -22.47 -22.02
CA LEU D 36 1.01 -23.56 -21.70
C LEU D 36 2.27 -23.47 -22.55
N THR D 37 2.28 -22.48 -23.45
CA THR D 37 3.37 -22.25 -24.40
C THR D 37 3.58 -23.51 -25.24
N VAL D 38 2.49 -24.21 -25.52
CA VAL D 38 2.54 -25.39 -26.34
C VAL D 38 1.83 -25.06 -27.64
N SER D 39 2.49 -25.34 -28.76
CA SER D 39 1.91 -25.11 -30.07
C SER D 39 0.92 -26.21 -30.41
N PRO D 40 -0.12 -25.90 -31.20
CA PRO D 40 -1.12 -26.90 -31.58
C PRO D 40 -0.45 -28.11 -32.24
N ASP D 41 0.61 -27.86 -33.00
CA ASP D 41 1.35 -28.91 -33.69
C ASP D 41 2.09 -29.89 -32.75
N GLN D 42 2.14 -29.57 -31.46
CA GLN D 42 2.83 -30.43 -30.50
C GLN D 42 1.86 -31.20 -29.62
N VAL D 43 0.59 -31.21 -30.03
CA VAL D 43 -0.44 -31.89 -29.24
C VAL D 43 -0.99 -33.18 -29.85
N LEU D 44 -0.99 -34.24 -29.06
CA LEU D 44 -1.55 -35.51 -29.48
C LEU D 44 -2.84 -35.65 -28.70
N GLN D 45 -3.98 -35.66 -29.39
CA GLN D 45 -5.26 -35.80 -28.73
C GLN D 45 -5.74 -37.26 -28.67
N LEU D 46 -6.16 -37.71 -27.49
CA LEU D 46 -6.62 -39.08 -27.32
C LEU D 46 -7.85 -39.14 -26.42
N THR D 47 -8.72 -40.11 -26.68
CA THR D 47 -9.90 -40.33 -25.84
C THR D 47 -9.33 -41.18 -24.72
N PRO D 48 -9.99 -41.22 -23.55
CA PRO D 48 -9.53 -41.99 -22.39
C PRO D 48 -9.07 -43.43 -22.65
N GLU D 49 -9.89 -44.20 -23.36
CA GLU D 49 -9.57 -45.60 -23.66
C GLU D 49 -8.25 -45.74 -24.43
N LYS D 50 -7.92 -44.75 -25.26
CA LYS D 50 -6.72 -44.78 -26.09
C LYS D 50 -5.41 -44.69 -25.31
N ILE D 51 -5.46 -44.09 -24.12
CA ILE D 51 -4.25 -43.95 -23.32
C ILE D 51 -3.60 -45.30 -23.04
N ALA D 52 -4.43 -46.33 -22.92
CA ALA D 52 -3.94 -47.68 -22.64
C ALA D 52 -3.15 -48.28 -23.81
N MET D 53 -3.19 -47.62 -24.96
CA MET D 53 -2.46 -48.12 -26.13
C MET D 53 -1.07 -47.51 -26.22
N LEU D 54 -0.75 -46.64 -25.26
CA LEU D 54 0.55 -45.98 -25.22
C LEU D 54 1.60 -46.97 -24.73
N PRO D 55 2.85 -46.83 -25.21
CA PRO D 55 3.93 -47.73 -24.77
C PRO D 55 4.16 -47.55 -23.26
N GLN D 56 4.83 -48.52 -22.65
CA GLN D 56 5.10 -48.50 -21.22
C GLN D 56 5.78 -47.23 -20.69
N GLY D 57 6.96 -46.94 -21.21
CA GLY D 57 7.70 -45.78 -20.76
C GLY D 57 7.38 -44.46 -21.42
N SER D 58 6.12 -44.22 -21.72
CA SER D 58 5.74 -42.96 -22.35
C SER D 58 5.96 -41.85 -21.32
N HIS D 59 6.43 -40.70 -21.77
CA HIS D 59 6.69 -39.59 -20.85
C HIS D 59 6.32 -38.28 -21.55
N CYS D 60 5.21 -37.65 -21.11
CA CYS D 60 4.77 -36.40 -21.73
C CYS D 60 3.74 -35.70 -20.85
N ASN D 61 3.84 -34.36 -20.74
CA ASN D 61 2.88 -33.61 -19.95
C ASN D 61 1.50 -33.81 -20.57
N SER D 62 0.46 -33.68 -19.76
CA SER D 62 -0.88 -33.87 -20.28
C SER D 62 -1.91 -32.93 -19.69
N TRP D 63 -2.97 -32.73 -20.45
CA TRP D 63 -4.09 -31.91 -20.04
C TRP D 63 -5.34 -32.72 -20.34
N ARG D 64 -6.08 -33.07 -19.29
CA ARG D 64 -7.29 -33.84 -19.48
C ARG D 64 -8.49 -33.01 -19.06
N LEU D 65 -9.54 -33.06 -19.88
CA LEU D 65 -10.75 -32.31 -19.63
C LEU D 65 -11.90 -33.23 -19.25
N GLY D 66 -12.57 -32.92 -18.15
CA GLY D 66 -13.70 -33.74 -17.74
C GLY D 66 -13.38 -35.18 -17.39
N THR D 67 -12.23 -35.47 -16.80
CA THR D 67 -11.94 -36.87 -16.49
C THR D 67 -10.92 -36.84 -15.33
N ASP D 68 -11.55 -36.87 -14.14
CA ASP D 68 -10.94 -36.79 -12.79
C ASP D 68 -9.92 -37.91 -12.57
N GLU D 69 -10.18 -39.05 -13.20
CA GLU D 69 -9.30 -40.21 -13.10
C GLU D 69 -7.90 -39.87 -13.64
N PRO D 70 -6.91 -39.78 -12.76
CA PRO D 70 -5.53 -39.47 -13.12
C PRO D 70 -5.02 -40.40 -14.23
N LEU D 71 -4.23 -39.86 -15.16
CA LEU D 71 -3.69 -40.63 -16.26
C LEU D 71 -2.49 -41.45 -15.82
N SER D 72 -2.14 -42.46 -16.62
CA SER D 72 -1.00 -43.31 -16.32
C SER D 72 0.25 -42.63 -16.84
N LEU D 73 0.08 -41.86 -17.91
CA LEU D 73 1.16 -41.15 -18.57
C LEU D 73 1.96 -40.28 -17.59
N GLU D 74 3.25 -40.57 -17.51
CA GLU D 74 4.17 -39.84 -16.64
C GLU D 74 4.36 -38.40 -17.14
N GLY D 75 4.49 -37.46 -16.21
CA GLY D 75 4.66 -36.06 -16.57
C GLY D 75 3.70 -35.20 -15.78
N ALA D 76 3.73 -33.89 -16.00
CA ALA D 76 2.83 -32.99 -15.29
C ALA D 76 1.41 -33.13 -15.86
N GLN D 77 0.46 -33.42 -14.97
CA GLN D 77 -0.92 -33.60 -15.41
C GLN D 77 -1.82 -32.42 -15.04
N VAL D 78 -2.33 -31.74 -16.06
CA VAL D 78 -3.24 -30.61 -15.85
C VAL D 78 -4.65 -31.19 -15.99
N ALA D 79 -5.48 -30.94 -14.98
CA ALA D 79 -6.85 -31.43 -14.99
C ALA D 79 -7.86 -30.28 -14.91
N SER D 80 -8.86 -30.31 -15.77
CA SER D 80 -9.88 -29.26 -15.78
C SER D 80 -11.24 -29.89 -16.06
N PRO D 81 -12.32 -29.13 -15.85
CA PRO D 81 -13.67 -29.62 -16.11
C PRO D 81 -13.81 -29.83 -17.61
N ALA D 82 -14.91 -30.45 -18.04
CA ALA D 82 -15.14 -30.66 -19.46
C ALA D 82 -15.12 -29.30 -20.15
N LEU D 83 -14.91 -29.29 -21.46
CA LEU D 83 -14.86 -28.04 -22.21
C LEU D 83 -16.10 -27.16 -22.02
N THR D 84 -17.29 -27.76 -22.12
CA THR D 84 -18.51 -26.98 -21.95
C THR D 84 -18.52 -26.30 -20.61
N ASP D 85 -18.08 -27.02 -19.57
CA ASP D 85 -18.00 -26.50 -18.21
C ASP D 85 -17.01 -25.34 -18.16
N LEU D 86 -15.84 -25.55 -18.76
CA LEU D 86 -14.79 -24.56 -18.78
C LEU D 86 -15.25 -23.28 -19.48
N ARG D 87 -16.08 -23.44 -20.50
CA ARG D 87 -16.61 -22.31 -21.26
C ARG D 87 -17.63 -21.51 -20.43
N ALA D 88 -18.33 -22.20 -19.53
CA ALA D 88 -19.37 -21.57 -18.72
C ALA D 88 -18.96 -20.95 -17.39
N ASN D 89 -17.81 -21.34 -16.85
CA ASN D 89 -17.41 -20.80 -15.56
C ASN D 89 -16.05 -20.09 -15.46
N PRO D 90 -16.07 -18.74 -15.41
CA PRO D 90 -14.84 -17.95 -15.32
C PRO D 90 -13.97 -18.40 -14.15
N THR D 91 -14.61 -18.88 -13.08
CA THR D 91 -13.88 -19.34 -11.91
C THR D 91 -13.06 -20.60 -12.26
N ALA D 92 -13.61 -21.44 -13.13
CA ALA D 92 -12.92 -22.66 -13.53
C ALA D 92 -11.69 -22.27 -14.37
N ARG D 93 -11.85 -21.29 -15.26
CA ARG D 93 -10.74 -20.84 -16.09
C ARG D 93 -9.62 -20.31 -15.18
N ALA D 94 -9.98 -19.44 -14.25
CA ALA D 94 -9.02 -18.87 -13.31
C ALA D 94 -8.36 -19.98 -12.49
N ALA D 95 -9.10 -21.05 -12.21
CA ALA D 95 -8.57 -22.16 -11.42
C ALA D 95 -7.61 -22.97 -12.29
N LEU D 96 -7.90 -23.05 -13.59
CA LEU D 96 -7.03 -23.80 -14.49
C LEU D 96 -5.66 -23.10 -14.52
N TRP D 97 -5.68 -21.78 -14.67
CA TRP D 97 -4.45 -21.00 -14.72
C TRP D 97 -3.64 -21.20 -13.44
N GLN D 98 -4.35 -21.25 -12.31
CA GLN D 98 -3.70 -21.44 -11.03
C GLN D 98 -2.99 -22.78 -11.01
N GLN D 99 -3.65 -23.81 -11.53
CA GLN D 99 -3.09 -25.14 -11.56
C GLN D 99 -1.86 -25.13 -12.49
N ILE D 100 -2.01 -24.52 -13.66
CA ILE D 100 -0.89 -24.42 -14.59
C ILE D 100 0.32 -23.76 -13.94
N CYS D 101 0.11 -22.71 -13.16
CA CYS D 101 1.22 -22.04 -12.50
C CYS D 101 1.92 -22.95 -11.49
N THR D 102 1.16 -23.89 -10.93
CA THR D 102 1.71 -24.86 -9.98
C THR D 102 2.75 -25.73 -10.69
N TYR D 103 2.59 -25.90 -12.00
CA TYR D 103 3.53 -26.69 -12.79
C TYR D 103 4.34 -25.77 -13.72
N GLU D 104 4.74 -24.60 -13.23
CA GLU D 104 5.47 -23.70 -14.11
C GLU D 104 6.81 -24.26 -14.58
N HIS D 105 7.46 -25.05 -13.74
CA HIS D 105 8.75 -25.65 -14.11
C HIS D 105 8.57 -26.66 -15.25
N ASP D 106 7.37 -27.25 -15.33
CA ASP D 106 7.06 -28.24 -16.35
C ASP D 106 6.66 -27.67 -17.71
N PHE D 107 5.92 -26.57 -17.74
CA PHE D 107 5.47 -26.01 -19.02
C PHE D 107 6.25 -24.87 -19.62
N PHE D 108 6.66 -23.92 -18.77
CA PHE D 108 7.44 -22.81 -19.25
C PHE D 108 8.58 -22.52 -18.29
N PRO D 109 9.55 -23.46 -18.24
CA PRO D 109 10.74 -23.41 -17.40
C PRO D 109 11.61 -22.21 -17.76
N ARG D 110 12.29 -21.70 -16.75
CA ARG D 110 13.17 -20.55 -16.95
C ARG D 110 14.18 -20.83 -18.06
N ASN D 111 14.42 -19.86 -18.84
CA ASN D 111 15.44 -19.92 -19.88
C ASN D 111 16.55 -18.91 -19.64
N ASP D 112 16.93 -18.91 -18.33
CA ASP D 112 17.94 -18.00 -17.81
C ASP D 112 18.92 -17.56 -18.89
#